data_2Z3N
#
_entry.id   2Z3N
#
_cell.length_a   114.936
_cell.length_b   130.101
_cell.length_c   38.353
_cell.angle_alpha   90.00
_cell.angle_beta   90.00
_cell.angle_gamma   90.00
#
_symmetry.space_group_name_H-M   'P 21 21 2'
#
loop_
_entity.id
_entity.type
_entity.pdbx_description
1 polymer 'Leucyl/phenylalanyl-tRNA-protein transferase'
2 polymer 'peptide (PHE)(ARG)(TYR)(LEU)(GLY)'
3 non-polymer 'D(-)-TARTARIC ACID'
4 water water
#
loop_
_entity_poly.entity_id
_entity_poly.type
_entity_poly.pdbx_seq_one_letter_code
_entity_poly.pdbx_strand_id
1 'polypeptide(L)'
;RLVQLSRHSIAFPSPEGALREPNGLLALGGDLSPARLLMAYQRGIFPWFSPGDPILWWSPDPRAVLWPESLHISRSMKRF
HKRSPYRVTMNYAFGQVIEGCASDREEGTWITRGVVEAYHRLHELGHAHSIEVWREDELVGGMYGVAQGTLFCGESMFSR
MENASKTALLVFCEEFIGHGGKLIDCQVLNDHTASLGACEIPRRDYLNYLNQMRLGRLPNNFWVPRCLFSPQE
;
A,B
2 'polypeptide(L)' FRYLG C,D
#
# COMPACT_ATOMS: atom_id res chain seq x y z
N ARG A 1 -39.56 0.18 10.80
CA ARG A 1 -38.49 -0.18 11.76
C ARG A 1 -37.10 0.14 11.21
N LEU A 2 -37.04 1.09 10.28
CA LEU A 2 -35.77 1.51 9.67
C LEU A 2 -35.20 2.70 10.46
N VAL A 3 -34.65 3.69 9.75
CA VAL A 3 -34.08 4.87 10.39
C VAL A 3 -33.22 5.71 9.45
N GLN A 4 -33.34 7.02 9.60
CA GLN A 4 -32.56 7.96 8.79
C GLN A 4 -31.35 8.39 9.64
N LEU A 5 -30.16 8.05 9.17
CA LEU A 5 -28.94 8.39 9.89
C LEU A 5 -28.72 9.88 10.00
N SER A 6 -28.23 10.30 11.17
CA SER A 6 -27.96 11.70 11.45
C SER A 6 -26.68 12.14 10.76
N ARG A 7 -26.76 13.25 10.03
CA ARG A 7 -25.61 13.77 9.31
C ARG A 7 -24.47 14.24 10.23
N HIS A 8 -24.78 14.52 11.49
CA HIS A 8 -23.77 14.98 12.45
C HIS A 8 -23.31 13.89 13.40
N SER A 9 -24.20 12.93 13.66
CA SER A 9 -23.87 11.83 14.57
C SER A 9 -23.50 10.57 13.79
N ILE A 10 -22.56 9.80 14.34
CA ILE A 10 -22.08 8.58 13.72
C ILE A 10 -22.78 7.32 14.28
N ALA A 11 -23.83 7.54 15.08
CA ALA A 11 -24.58 6.44 15.71
C ALA A 11 -25.52 5.64 14.79
N PHE A 12 -25.61 4.34 15.06
CA PHE A 12 -26.45 3.42 14.30
C PHE A 12 -27.51 2.77 15.19
N PRO A 13 -28.66 2.39 14.62
CA PRO A 13 -29.74 1.75 15.37
C PRO A 13 -29.33 0.28 15.50
N SER A 14 -29.93 -0.45 16.44
CA SER A 14 -29.59 -1.85 16.62
C SER A 14 -29.97 -2.72 15.42
N PRO A 15 -29.06 -3.64 15.04
CA PRO A 15 -29.21 -4.58 13.92
C PRO A 15 -30.44 -5.48 14.00
N GLU A 16 -30.82 -5.87 15.21
CA GLU A 16 -31.97 -6.75 15.39
C GLU A 16 -33.28 -6.08 14.94
N GLY A 17 -33.24 -4.77 14.76
CA GLY A 17 -34.43 -4.06 14.33
C GLY A 17 -34.54 -3.93 12.83
N ALA A 18 -33.67 -4.63 12.09
CA ALA A 18 -33.67 -4.58 10.63
C ALA A 18 -34.86 -5.31 10.01
N LEU A 19 -35.13 -5.03 8.73
CA LEU A 19 -36.23 -5.67 8.04
C LEU A 19 -35.91 -7.12 7.70
N ARG A 20 -36.94 -7.95 7.64
CA ARG A 20 -36.76 -9.33 7.30
C ARG A 20 -36.61 -9.46 5.78
N GLU A 21 -37.30 -8.60 5.05
CA GLU A 21 -37.26 -8.64 3.59
C GLU A 21 -37.52 -7.29 2.94
N PRO A 22 -36.51 -6.70 2.26
CA PRO A 22 -35.14 -7.15 2.01
C PRO A 22 -34.36 -7.47 3.29
N ASN A 23 -33.71 -8.63 3.29
CA ASN A 23 -32.96 -9.10 4.45
C ASN A 23 -31.89 -8.18 5.01
N GLY A 24 -32.14 -7.67 6.22
CA GLY A 24 -31.16 -6.81 6.88
C GLY A 24 -31.20 -5.32 6.64
N LEU A 25 -32.13 -4.84 5.81
CA LEU A 25 -32.22 -3.40 5.56
C LEU A 25 -32.38 -2.74 6.92
N LEU A 26 -31.38 -1.94 7.31
CA LEU A 26 -31.37 -1.29 8.61
C LEU A 26 -31.52 0.23 8.63
N ALA A 27 -30.93 0.92 7.67
CA ALA A 27 -31.02 2.38 7.65
C ALA A 27 -30.59 2.96 6.32
N LEU A 28 -30.62 4.29 6.21
CA LEU A 28 -30.19 4.94 5.00
C LEU A 28 -29.68 6.35 5.27
N GLY A 29 -28.91 6.87 4.34
CA GLY A 29 -28.38 8.22 4.49
C GLY A 29 -27.04 8.26 5.20
N GLY A 30 -26.78 9.39 5.86
CA GLY A 30 -25.52 9.56 6.56
C GLY A 30 -24.46 9.84 5.52
N ASP A 31 -23.29 9.25 5.70
CA ASP A 31 -22.20 9.43 4.76
C ASP A 31 -21.29 8.20 4.83
N LEU A 32 -20.20 8.21 4.05
CA LEU A 32 -19.28 7.08 4.06
C LEU A 32 -17.92 7.51 4.62
N SER A 33 -17.95 8.30 5.70
CA SER A 33 -16.71 8.78 6.31
C SER A 33 -16.01 7.67 7.10
N PRO A 34 -14.67 7.79 7.24
CA PRO A 34 -13.86 6.81 7.95
C PRO A 34 -14.47 6.31 9.26
N ALA A 35 -14.87 7.25 10.11
CA ALA A 35 -15.45 6.93 11.40
C ALA A 35 -16.80 6.23 11.29
N ARG A 36 -17.68 6.75 10.45
CA ARG A 36 -18.99 6.14 10.29
C ARG A 36 -18.87 4.69 9.81
N LEU A 37 -18.14 4.48 8.72
CA LEU A 37 -17.93 3.15 8.17
C LEU A 37 -17.36 2.22 9.25
N LEU A 38 -16.32 2.70 9.91
CA LEU A 38 -15.65 1.95 10.95
C LEU A 38 -16.65 1.56 12.05
N MET A 39 -17.49 2.50 12.43
CA MET A 39 -18.49 2.22 13.44
C MET A 39 -19.45 1.13 12.97
N ALA A 40 -19.87 1.20 11.72
CA ALA A 40 -20.78 0.21 11.16
C ALA A 40 -20.24 -1.23 11.22
N TYR A 41 -18.95 -1.41 10.96
CA TYR A 41 -18.38 -2.76 11.01
C TYR A 41 -18.27 -3.29 12.42
N GLN A 42 -18.07 -2.40 13.40
CA GLN A 42 -17.98 -2.80 14.79
C GLN A 42 -19.34 -3.35 15.24
N ARG A 43 -20.40 -2.85 14.61
CA ARG A 43 -21.76 -3.26 14.91
C ARG A 43 -22.35 -4.31 13.96
N GLY A 44 -21.55 -4.82 13.03
CA GLY A 44 -22.06 -5.82 12.11
C GLY A 44 -22.93 -5.27 10.99
N ILE A 45 -22.66 -4.01 10.63
CA ILE A 45 -23.40 -3.32 9.58
C ILE A 45 -22.46 -2.92 8.44
N PHE A 46 -22.98 -2.86 7.22
CA PHE A 46 -22.16 -2.48 6.09
C PHE A 46 -23.05 -1.78 5.06
N PRO A 47 -22.45 -0.86 4.28
CA PRO A 47 -23.18 -0.12 3.24
C PRO A 47 -23.29 -0.95 1.97
N TRP A 48 -24.43 -0.91 1.32
CA TRP A 48 -24.65 -1.70 0.11
C TRP A 48 -25.77 -1.01 -0.66
N PHE A 49 -25.45 -0.47 -1.83
CA PHE A 49 -26.45 0.24 -2.60
C PHE A 49 -25.99 0.49 -4.04
N SER A 50 -26.95 0.61 -4.94
CA SER A 50 -26.64 0.86 -6.34
C SER A 50 -26.50 2.35 -6.63
N PRO A 51 -25.80 2.71 -7.72
CA PRO A 51 -25.60 4.10 -8.12
C PRO A 51 -26.93 4.82 -8.29
N GLY A 52 -27.00 6.04 -7.80
CA GLY A 52 -28.23 6.80 -7.90
C GLY A 52 -29.04 6.74 -6.61
N ASP A 53 -28.99 5.61 -5.91
CA ASP A 53 -29.74 5.47 -4.67
C ASP A 53 -28.98 6.12 -3.51
N PRO A 54 -29.69 6.40 -2.41
CA PRO A 54 -29.05 7.01 -1.23
C PRO A 54 -28.34 5.87 -0.48
N ILE A 55 -27.41 6.18 0.41
CA ILE A 55 -26.69 5.13 1.15
C ILE A 55 -27.65 4.19 1.89
N LEU A 56 -27.50 2.88 1.68
CA LEU A 56 -28.32 1.87 2.36
C LEU A 56 -27.41 1.04 3.27
N TRP A 57 -27.85 0.81 4.51
CA TRP A 57 -27.04 0.05 5.46
C TRP A 57 -27.69 -1.27 5.83
N TRP A 58 -26.89 -2.33 5.86
CA TRP A 58 -27.41 -3.67 6.14
C TRP A 58 -26.77 -4.50 7.24
N SER A 59 -27.57 -5.43 7.75
CA SER A 59 -27.14 -6.36 8.79
C SER A 59 -28.12 -7.51 8.64
N PRO A 60 -27.90 -8.38 7.65
CA PRO A 60 -28.73 -9.54 7.36
C PRO A 60 -28.77 -10.66 8.39
N ASP A 61 -29.84 -11.45 8.32
CA ASP A 61 -30.06 -12.57 9.22
C ASP A 61 -30.75 -13.69 8.44
N PRO A 62 -30.05 -14.81 8.23
CA PRO A 62 -28.69 -15.10 8.70
C PRO A 62 -27.60 -14.27 8.02
N ARG A 63 -26.37 -14.58 8.36
CA ARG A 63 -25.20 -13.90 7.84
C ARG A 63 -24.32 -14.93 7.13
N ALA A 64 -23.68 -14.53 6.03
CA ALA A 64 -22.81 -15.43 5.30
C ALA A 64 -21.44 -15.38 5.96
N VAL A 65 -20.84 -16.55 6.14
CA VAL A 65 -19.56 -16.62 6.82
C VAL A 65 -18.68 -17.75 6.27
N LEU A 66 -17.37 -17.58 6.40
CA LEU A 66 -16.43 -18.58 5.94
C LEU A 66 -15.35 -18.87 6.99
N TRP A 67 -15.34 -20.11 7.47
CA TRP A 67 -14.34 -20.55 8.44
C TRP A 67 -13.10 -20.82 7.60
N PRO A 68 -12.03 -20.05 7.82
CA PRO A 68 -10.78 -20.22 7.07
C PRO A 68 -10.41 -21.68 6.87
N GLU A 69 -10.40 -22.42 7.98
CA GLU A 69 -10.05 -23.84 7.94
C GLU A 69 -10.97 -24.69 7.06
N SER A 70 -12.23 -24.30 6.98
CA SER A 70 -13.19 -25.05 6.18
C SER A 70 -13.21 -24.65 4.72
N LEU A 71 -12.18 -23.95 4.26
CA LEU A 71 -12.11 -23.55 2.86
C LEU A 71 -12.08 -24.77 1.96
N HIS A 72 -13.02 -24.86 1.02
CA HIS A 72 -13.03 -26.01 0.14
C HIS A 72 -12.11 -25.77 -1.04
N ILE A 73 -11.33 -26.80 -1.38
CA ILE A 73 -10.38 -26.73 -2.48
C ILE A 73 -10.37 -28.03 -3.27
N SER A 74 -10.90 -28.02 -4.48
CA SER A 74 -10.94 -29.22 -5.32
C SER A 74 -9.54 -29.79 -5.52
N ARG A 75 -9.47 -31.02 -6.04
CA ARG A 75 -8.17 -31.64 -6.25
C ARG A 75 -7.43 -31.04 -7.46
N SER A 76 -8.16 -30.57 -8.47
CA SER A 76 -7.49 -29.96 -9.63
C SER A 76 -6.92 -28.59 -9.24
N MET A 77 -7.55 -27.92 -8.28
CA MET A 77 -7.07 -26.63 -7.81
C MET A 77 -5.77 -26.85 -7.03
N LYS A 78 -5.70 -27.97 -6.32
CA LYS A 78 -4.51 -28.31 -5.55
C LYS A 78 -3.36 -28.61 -6.51
N ARG A 79 -3.65 -29.27 -7.63
CA ARG A 79 -2.63 -29.61 -8.61
C ARG A 79 -2.16 -28.32 -9.25
N PHE A 80 -3.11 -27.43 -9.46
CA PHE A 80 -2.84 -26.14 -10.05
C PHE A 80 -1.91 -25.30 -9.18
N HIS A 81 -2.30 -25.12 -7.92
CA HIS A 81 -1.54 -24.31 -6.98
C HIS A 81 -0.13 -24.89 -6.71
N LYS A 82 0.02 -26.20 -6.83
CA LYS A 82 1.32 -26.79 -6.59
C LYS A 82 2.32 -26.36 -7.66
N ARG A 83 1.80 -25.98 -8.82
CA ARG A 83 2.62 -25.55 -9.95
C ARG A 83 2.18 -24.17 -10.40
N SER A 84 1.57 -23.44 -9.47
CA SER A 84 1.04 -22.10 -9.72
C SER A 84 1.87 -21.10 -10.51
N PRO A 85 1.23 -20.45 -11.49
CA PRO A 85 1.86 -19.44 -12.34
C PRO A 85 1.65 -18.05 -11.70
N TYR A 86 1.05 -18.05 -10.51
CA TYR A 86 0.74 -16.80 -9.81
C TYR A 86 1.62 -16.44 -8.63
N ARG A 87 1.67 -15.13 -8.38
CA ARG A 87 2.41 -14.60 -7.26
C ARG A 87 1.33 -13.86 -6.47
N VAL A 88 1.42 -13.91 -5.14
CA VAL A 88 0.44 -13.23 -4.31
C VAL A 88 1.07 -12.28 -3.31
N THR A 89 0.54 -11.07 -3.26
CA THR A 89 1.03 -10.04 -2.36
C THR A 89 -0.08 -9.48 -1.48
N MET A 90 0.32 -8.67 -0.50
CA MET A 90 -0.62 -8.04 0.42
C MET A 90 -0.37 -6.54 0.43
N ASN A 91 -1.45 -5.78 0.28
CA ASN A 91 -1.40 -4.32 0.28
C ASN A 91 -0.40 -3.68 -0.67
N TYR A 92 -0.18 -4.32 -1.81
CA TYR A 92 0.74 -3.81 -2.84
C TYR A 92 0.01 -2.81 -3.74
N ALA A 93 -1.25 -3.10 -4.07
CA ALA A 93 -2.01 -2.25 -4.98
C ALA A 93 -3.50 -2.24 -4.66
N PHE A 94 -3.85 -1.73 -3.48
CA PHE A 94 -5.23 -1.66 -3.05
C PHE A 94 -6.10 -0.96 -4.10
N GLY A 95 -5.64 0.19 -4.58
CA GLY A 95 -6.39 0.95 -5.58
C GLY A 95 -6.70 0.15 -6.83
N GLN A 96 -5.75 -0.64 -7.30
CA GLN A 96 -5.97 -1.45 -8.49
C GLN A 96 -6.94 -2.60 -8.22
N VAL A 97 -6.85 -3.19 -7.02
CA VAL A 97 -7.74 -4.29 -6.68
C VAL A 97 -9.20 -3.85 -6.64
N ILE A 98 -9.50 -2.83 -5.82
CA ILE A 98 -10.87 -2.37 -5.69
C ILE A 98 -11.42 -1.89 -7.03
N GLU A 99 -10.56 -1.32 -7.86
CA GLU A 99 -10.98 -0.84 -9.17
C GLU A 99 -11.29 -2.07 -10.05
N GLY A 100 -10.53 -3.14 -9.86
CA GLY A 100 -10.76 -4.35 -10.62
C GLY A 100 -12.10 -4.94 -10.24
N CYS A 101 -12.46 -4.83 -8.95
CA CYS A 101 -13.74 -5.34 -8.48
C CYS A 101 -14.87 -4.49 -9.02
N ALA A 102 -14.69 -3.18 -8.96
CA ALA A 102 -15.71 -2.24 -9.44
C ALA A 102 -15.86 -2.30 -10.96
N SER A 103 -14.97 -3.03 -11.63
CA SER A 103 -15.05 -3.12 -13.08
C SER A 103 -15.70 -4.35 -13.67
N ASP A 104 -16.04 -5.34 -12.84
CA ASP A 104 -16.67 -6.55 -13.37
C ASP A 104 -17.98 -6.26 -14.14
N ARG A 105 -19.11 -6.73 -13.60
CA ARG A 105 -20.40 -6.53 -14.26
C ARG A 105 -21.25 -5.44 -13.61
N GLU A 107 -21.77 -7.88 -8.07
CA GLU A 107 -22.14 -6.60 -8.74
C GLU A 107 -21.08 -5.53 -8.50
N GLY A 108 -20.19 -5.34 -9.47
CA GLY A 108 -19.15 -4.34 -9.35
C GLY A 108 -19.70 -2.96 -9.66
N THR A 109 -20.92 -2.92 -10.19
CA THR A 109 -21.55 -1.64 -10.53
C THR A 109 -22.05 -0.93 -9.28
N TRP A 110 -22.06 -1.64 -8.15
CA TRP A 110 -22.49 -1.07 -6.87
C TRP A 110 -21.31 -0.38 -6.19
N ILE A 111 -20.10 -0.74 -6.62
CA ILE A 111 -18.89 -0.13 -6.10
C ILE A 111 -18.73 1.19 -6.83
N THR A 112 -19.49 2.17 -6.38
CA THR A 112 -19.46 3.50 -6.98
C THR A 112 -18.18 4.26 -6.64
N ARG A 113 -17.93 5.33 -7.39
CA ARG A 113 -16.76 6.16 -7.17
C ARG A 113 -16.66 6.54 -5.70
N GLY A 114 -17.79 6.97 -5.12
CA GLY A 114 -17.82 7.35 -3.72
C GLY A 114 -17.39 6.21 -2.83
N VAL A 115 -17.75 4.99 -3.20
CA VAL A 115 -17.40 3.81 -2.43
C VAL A 115 -15.90 3.52 -2.54
N VAL A 116 -15.37 3.64 -3.76
CA VAL A 116 -13.95 3.41 -4.00
C VAL A 116 -13.17 4.39 -3.13
N GLU A 117 -13.58 5.66 -3.16
CA GLU A 117 -12.93 6.68 -2.37
C GLU A 117 -13.02 6.39 -0.87
N ALA A 118 -14.20 5.97 -0.40
CA ALA A 118 -14.40 5.67 1.01
C ALA A 118 -13.51 4.53 1.52
N TYR A 119 -13.45 3.43 0.78
CA TYR A 119 -12.63 2.31 1.23
C TYR A 119 -11.16 2.56 1.03
N HIS A 120 -10.83 3.48 0.14
CA HIS A 120 -9.42 3.82 -0.09
C HIS A 120 -8.96 4.57 1.15
N ARG A 121 -9.84 5.42 1.70
CA ARG A 121 -9.50 6.15 2.91
C ARG A 121 -9.19 5.17 4.04
N LEU A 122 -10.03 4.15 4.21
CA LEU A 122 -9.81 3.14 5.25
C LEU A 122 -8.50 2.40 5.00
N HIS A 123 -8.11 2.28 3.73
CA HIS A 123 -6.88 1.59 3.43
C HIS A 123 -5.71 2.46 3.88
N GLU A 124 -5.76 3.74 3.52
CA GLU A 124 -4.70 4.67 3.90
C GLU A 124 -4.60 4.72 5.43
N LEU A 125 -5.74 4.67 6.10
CA LEU A 125 -5.77 4.71 7.56
C LEU A 125 -5.44 3.36 8.20
N GLY A 126 -5.16 2.36 7.36
CA GLY A 126 -4.80 1.04 7.87
C GLY A 126 -5.90 0.09 8.32
N HIS A 127 -7.10 0.22 7.78
CA HIS A 127 -8.17 -0.68 8.18
C HIS A 127 -8.64 -1.60 7.06
N ALA A 128 -8.53 -1.13 5.83
CA ALA A 128 -8.92 -1.93 4.67
C ALA A 128 -7.62 -2.45 4.05
N HIS A 129 -7.62 -3.71 3.64
CA HIS A 129 -6.42 -4.30 3.07
C HIS A 129 -6.74 -5.08 1.82
N SER A 130 -5.74 -5.29 0.98
CA SER A 130 -5.95 -6.02 -0.25
C SER A 130 -4.96 -7.15 -0.44
N ILE A 131 -5.37 -8.15 -1.23
CA ILE A 131 -4.56 -9.31 -1.56
C ILE A 131 -4.49 -9.26 -3.07
N GLU A 132 -3.28 -9.21 -3.63
CA GLU A 132 -3.12 -9.15 -5.07
C GLU A 132 -2.64 -10.46 -5.67
N VAL A 133 -3.14 -10.78 -6.87
CA VAL A 133 -2.73 -11.99 -7.58
C VAL A 133 -2.08 -11.53 -8.89
N TRP A 134 -0.81 -11.86 -9.06
CA TRP A 134 -0.07 -11.46 -10.25
C TRP A 134 0.37 -12.60 -11.13
N ARG A 135 0.24 -12.39 -12.42
CA ARG A 135 0.68 -13.34 -13.38
C ARG A 135 1.81 -12.53 -14.01
N GLU A 136 3.04 -12.81 -13.61
CA GLU A 136 4.19 -12.07 -14.12
C GLU A 136 4.06 -10.62 -13.65
N ASP A 137 3.97 -9.69 -14.61
CA ASP A 137 3.85 -8.26 -14.32
C ASP A 137 2.41 -7.76 -14.31
N GLU A 138 1.47 -8.63 -14.66
CA GLU A 138 0.07 -8.24 -14.71
C GLU A 138 -0.81 -8.64 -13.52
N LEU A 139 -1.56 -7.67 -13.01
CA LEU A 139 -2.49 -7.89 -11.91
C LEU A 139 -3.67 -8.66 -12.53
N VAL A 140 -3.84 -9.93 -12.14
CA VAL A 140 -4.90 -10.73 -12.74
C VAL A 140 -6.00 -11.13 -11.78
N GLY A 141 -5.98 -10.59 -10.58
CA GLY A 141 -7.00 -10.91 -9.61
C GLY A 141 -6.66 -10.38 -8.24
N GLY A 142 -7.56 -10.64 -7.30
CA GLY A 142 -7.33 -10.18 -5.95
C GLY A 142 -8.61 -10.02 -5.17
N MET A 143 -8.46 -9.52 -3.94
CA MET A 143 -9.61 -9.28 -3.10
C MET A 143 -9.20 -8.28 -2.04
N TYR A 144 -10.20 -7.66 -1.42
CA TYR A 144 -9.91 -6.70 -0.37
C TYR A 144 -11.04 -6.75 0.65
N GLY A 145 -10.76 -6.24 1.84
CA GLY A 145 -11.77 -6.23 2.88
C GLY A 145 -11.38 -5.31 4.03
N VAL A 146 -12.13 -5.42 5.12
CA VAL A 146 -11.88 -4.60 6.29
C VAL A 146 -11.54 -5.49 7.47
N ALA A 147 -10.33 -5.30 8.00
CA ALA A 147 -9.89 -6.08 9.15
C ALA A 147 -10.63 -5.61 10.38
N GLN A 148 -11.00 -6.57 11.21
CA GLN A 148 -11.73 -6.29 12.43
C GLN A 148 -11.14 -7.25 13.48
N GLY A 149 -9.87 -7.03 13.83
CA GLY A 149 -9.20 -7.88 14.80
C GLY A 149 -8.81 -9.18 14.11
N THR A 150 -9.32 -10.29 14.63
CA THR A 150 -9.06 -11.61 14.07
C THR A 150 -10.22 -12.03 13.17
N LEU A 151 -11.13 -11.09 12.95
CA LEU A 151 -12.24 -11.31 12.05
C LEU A 151 -11.95 -10.44 10.84
N PHE A 152 -12.17 -10.96 9.64
CA PHE A 152 -11.92 -10.19 8.43
C PHE A 152 -13.21 -10.15 7.64
N CYS A 153 -13.60 -8.94 7.24
CA CYS A 153 -14.84 -8.77 6.46
C CYS A 153 -14.50 -8.61 4.99
N GLY A 154 -14.82 -9.66 4.22
CA GLY A 154 -14.55 -9.65 2.80
C GLY A 154 -15.52 -8.74 2.07
N GLU A 155 -15.00 -7.87 1.22
CA GLU A 155 -15.84 -6.94 0.47
C GLU A 155 -16.07 -7.44 -0.94
N SER A 156 -15.00 -7.75 -1.65
CA SER A 156 -15.15 -8.23 -3.00
C SER A 156 -13.90 -8.92 -3.53
N MET A 157 -14.05 -9.59 -4.66
CA MET A 157 -12.96 -10.29 -5.30
C MET A 157 -13.19 -10.11 -6.78
N PHE A 158 -12.14 -10.28 -7.57
CA PHE A 158 -12.27 -10.15 -9.00
C PHE A 158 -11.26 -11.08 -9.65
N SER A 159 -11.60 -11.56 -10.85
CA SER A 159 -10.73 -12.48 -11.56
C SER A 159 -10.62 -12.16 -13.04
N ARG A 160 -9.40 -12.21 -13.55
CA ARG A 160 -9.16 -11.95 -14.96
C ARG A 160 -8.44 -13.15 -15.57
N MET A 161 -8.09 -14.13 -14.74
CA MET A 161 -7.40 -15.32 -15.22
C MET A 161 -7.84 -16.52 -14.39
N GLU A 162 -7.93 -17.69 -15.02
CA GLU A 162 -8.37 -18.90 -14.36
C GLU A 162 -7.74 -19.15 -12.99
N ASN A 163 -8.59 -19.38 -11.99
CA ASN A 163 -8.18 -19.65 -10.62
C ASN A 163 -7.47 -18.50 -9.90
N ALA A 164 -7.49 -17.30 -10.49
CA ALA A 164 -6.83 -16.16 -9.85
C ALA A 164 -7.42 -15.81 -8.49
N SER A 165 -8.73 -15.59 -8.44
CA SER A 165 -9.38 -15.24 -7.17
C SER A 165 -9.32 -16.39 -6.16
N LYS A 166 -9.33 -17.64 -6.62
CA LYS A 166 -9.26 -18.74 -5.68
C LYS A 166 -7.85 -18.78 -5.08
N THR A 167 -6.87 -18.33 -5.86
CA THR A 167 -5.50 -18.30 -5.37
C THR A 167 -5.33 -17.22 -4.31
N ALA A 168 -6.06 -16.11 -4.46
CA ALA A 168 -5.99 -15.00 -3.50
C ALA A 168 -6.53 -15.45 -2.16
N LEU A 169 -7.70 -16.04 -2.19
CA LEU A 169 -8.36 -16.50 -0.98
C LEU A 169 -7.63 -17.65 -0.32
N LEU A 170 -7.17 -18.61 -1.12
CA LEU A 170 -6.47 -19.76 -0.57
C LEU A 170 -5.22 -19.31 0.16
N VAL A 171 -4.42 -18.49 -0.52
CA VAL A 171 -3.19 -18.01 0.08
C VAL A 171 -3.52 -17.16 1.31
N PHE A 172 -4.47 -16.24 1.18
CA PHE A 172 -4.83 -15.39 2.29
C PHE A 172 -5.24 -16.19 3.53
N CYS A 173 -6.10 -17.18 3.32
CA CYS A 173 -6.58 -18.02 4.41
C CYS A 173 -5.44 -18.67 5.16
N GLU A 174 -4.48 -19.26 4.43
CA GLU A 174 -3.33 -19.91 5.06
C GLU A 174 -2.59 -18.92 5.97
N GLU A 175 -2.18 -17.80 5.41
CA GLU A 175 -1.49 -16.75 6.14
C GLU A 175 -2.31 -16.32 7.36
N PHE A 176 -3.57 -16.01 7.11
CA PHE A 176 -4.51 -15.56 8.14
C PHE A 176 -4.63 -16.60 9.26
N ILE A 177 -4.86 -17.85 8.88
CA ILE A 177 -5.00 -18.93 9.85
C ILE A 177 -3.72 -19.10 10.66
N GLY A 178 -2.58 -19.15 9.98
CA GLY A 178 -1.31 -19.31 10.65
C GLY A 178 -0.96 -18.23 11.64
N HIS A 179 -1.59 -17.06 11.54
CA HIS A 179 -1.28 -15.96 12.46
C HIS A 179 -2.40 -15.54 13.41
N GLY A 180 -3.39 -16.40 13.61
CA GLY A 180 -4.46 -16.07 14.54
C GLY A 180 -5.81 -15.68 13.96
N GLY A 181 -5.91 -15.59 12.64
CA GLY A 181 -7.17 -15.23 12.04
C GLY A 181 -8.23 -16.25 12.42
N LYS A 182 -9.44 -15.80 12.72
CA LYS A 182 -10.49 -16.73 13.13
C LYS A 182 -11.65 -16.90 12.16
N LEU A 183 -12.16 -15.80 11.62
CA LEU A 183 -13.29 -15.89 10.70
C LEU A 183 -13.27 -14.84 9.59
N ILE A 184 -13.94 -15.18 8.51
CA ILE A 184 -14.06 -14.29 7.37
C ILE A 184 -15.54 -14.05 7.13
N ASP A 185 -15.96 -12.78 7.21
CA ASP A 185 -17.35 -12.42 6.98
C ASP A 185 -17.59 -12.25 5.48
N CYS A 186 -18.68 -12.85 4.98
CA CYS A 186 -19.06 -12.76 3.57
C CYS A 186 -20.39 -12.01 3.37
N GLN A 187 -20.99 -11.55 4.47
CA GLN A 187 -22.28 -10.85 4.45
C GLN A 187 -23.44 -11.66 3.90
N VAL A 188 -23.47 -11.81 2.58
CA VAL A 188 -24.53 -12.55 1.91
C VAL A 188 -23.95 -13.69 1.11
N LEU A 189 -24.59 -14.85 1.22
CA LEU A 189 -24.14 -16.04 0.52
C LEU A 189 -24.57 -15.98 -0.95
N ASN A 190 -23.60 -16.14 -1.85
CA ASN A 190 -23.89 -16.15 -3.27
C ASN A 190 -23.39 -17.47 -3.84
N ASP A 191 -23.52 -17.68 -5.15
CA ASP A 191 -23.09 -18.93 -5.76
C ASP A 191 -21.60 -19.22 -5.64
N HIS A 192 -20.76 -18.26 -6.04
CA HIS A 192 -19.32 -18.43 -5.98
C HIS A 192 -18.88 -18.62 -4.53
N THR A 193 -19.24 -17.66 -3.69
CA THR A 193 -18.88 -17.68 -2.28
C THR A 193 -19.33 -18.98 -1.58
N ALA A 194 -20.41 -19.60 -2.08
CA ALA A 194 -20.91 -20.84 -1.51
C ALA A 194 -20.09 -22.05 -1.93
N SER A 195 -19.56 -22.03 -3.15
CA SER A 195 -18.76 -23.15 -3.63
C SER A 195 -17.41 -23.17 -2.93
N LEU A 196 -17.02 -22.03 -2.36
CA LEU A 196 -15.75 -21.92 -1.66
C LEU A 196 -15.84 -22.47 -0.23
N GLY A 197 -17.06 -22.69 0.24
CA GLY A 197 -17.24 -23.22 1.57
C GLY A 197 -17.94 -22.29 2.53
N ALA A 198 -18.43 -21.17 2.03
CA ALA A 198 -19.10 -20.21 2.89
C ALA A 198 -20.43 -20.82 3.34
N CYS A 199 -20.83 -20.54 4.57
CA CYS A 199 -22.07 -21.06 5.12
C CYS A 199 -22.80 -19.94 5.85
N GLU A 200 -24.00 -20.24 6.35
CA GLU A 200 -24.81 -19.25 7.05
C GLU A 200 -25.01 -19.56 8.54
N ILE A 201 -24.91 -18.52 9.37
CA ILE A 201 -25.13 -18.66 10.81
C ILE A 201 -26.04 -17.52 11.28
N PRO A 202 -26.70 -17.68 12.44
CA PRO A 202 -27.60 -16.66 13.00
C PRO A 202 -26.94 -15.30 13.23
N ARG A 203 -27.65 -14.23 12.86
CA ARG A 203 -27.14 -12.88 13.01
C ARG A 203 -26.58 -12.61 14.39
N ARG A 204 -27.24 -13.12 15.43
CA ARG A 204 -26.73 -12.86 16.77
C ARG A 204 -25.45 -13.66 16.99
N ASP A 205 -25.33 -14.84 16.38
CA ASP A 205 -24.10 -15.63 16.51
C ASP A 205 -22.97 -14.82 15.90
N TYR A 206 -23.20 -14.29 14.70
CA TYR A 206 -22.18 -13.48 14.03
C TYR A 206 -21.79 -12.26 14.88
N LEU A 207 -22.79 -11.58 15.44
CA LEU A 207 -22.51 -10.42 16.28
C LEU A 207 -21.73 -10.82 17.53
N ASN A 208 -21.95 -12.04 18.03
CA ASN A 208 -21.19 -12.48 19.21
C ASN A 208 -19.74 -12.65 18.80
N TYR A 209 -19.51 -13.34 17.68
CA TYR A 209 -18.16 -13.55 17.16
C TYR A 209 -17.48 -12.21 16.94
N LEU A 210 -18.22 -11.26 16.36
CA LEU A 210 -17.71 -9.93 16.06
C LEU A 210 -17.14 -9.27 17.30
N ASN A 211 -17.96 -9.17 18.34
CA ASN A 211 -17.55 -8.55 19.59
C ASN A 211 -16.36 -9.25 20.22
N GLN A 212 -16.30 -10.56 20.06
CA GLN A 212 -15.21 -11.36 20.60
C GLN A 212 -13.92 -11.19 19.78
N MET A 213 -14.04 -11.33 18.47
CA MET A 213 -12.87 -11.23 17.59
C MET A 213 -12.32 -9.82 17.34
N ARG A 214 -13.16 -8.79 17.45
CA ARG A 214 -12.70 -7.42 17.21
C ARG A 214 -11.68 -7.02 18.28
N LEU A 215 -11.71 -7.71 19.41
CA LEU A 215 -10.78 -7.44 20.49
C LEU A 215 -9.50 -8.23 20.23
N GLY A 216 -9.66 -9.36 19.56
CA GLY A 216 -8.53 -10.21 19.22
C GLY A 216 -7.46 -9.44 18.48
N ARG A 217 -6.25 -9.97 18.45
CA ARG A 217 -5.18 -9.29 17.76
C ARG A 217 -4.27 -10.22 16.95
N LEU A 218 -3.89 -9.74 15.78
CA LEU A 218 -2.98 -10.45 14.89
C LEU A 218 -1.63 -9.78 15.09
N PRO A 219 -0.55 -10.38 14.57
CA PRO A 219 0.78 -9.78 14.74
C PRO A 219 0.73 -8.30 14.35
N ASN A 220 1.47 -7.48 15.09
CA ASN A 220 1.49 -6.04 14.85
C ASN A 220 1.84 -5.61 13.42
N ASN A 221 2.60 -6.42 12.71
CA ASN A 221 3.01 -6.07 11.35
C ASN A 221 2.35 -6.94 10.29
N PHE A 222 1.35 -7.70 10.71
CA PHE A 222 0.61 -8.61 9.84
C PHE A 222 0.16 -8.01 8.51
N TRP A 223 -0.29 -6.77 8.53
CA TRP A 223 -0.77 -6.14 7.31
C TRP A 223 0.23 -5.28 6.52
N VAL A 224 1.49 -5.24 6.93
CA VAL A 224 2.44 -4.42 6.17
C VAL A 224 2.55 -5.06 4.79
N PRO A 225 2.79 -4.25 3.77
CA PRO A 225 2.90 -4.81 2.42
C PRO A 225 4.05 -5.80 2.25
N ARG A 226 3.73 -7.00 1.77
CA ARG A 226 4.74 -8.03 1.57
C ARG A 226 4.32 -9.11 0.58
N CYS A 227 5.28 -9.87 0.07
CA CYS A 227 4.99 -10.95 -0.85
C CYS A 227 4.55 -12.07 0.08
N LEU A 228 3.53 -12.82 -0.31
CA LEU A 228 3.03 -13.93 0.51
C LEU A 228 3.28 -15.28 -0.16
N PHE A 229 3.43 -15.27 -1.47
CA PHE A 229 3.61 -16.50 -2.21
C PHE A 229 4.32 -16.24 -3.54
N SER A 230 5.47 -16.88 -3.74
CA SER A 230 6.22 -16.69 -4.98
C SER A 230 6.67 -17.96 -5.69
N PRO A 231 7.94 -18.41 -5.46
CA PRO A 231 8.44 -19.61 -6.15
C PRO A 231 7.39 -20.69 -6.35
N ARG B 1 25.32 -12.75 -13.94
CA ARG B 1 26.35 -11.69 -14.15
C ARG B 1 25.90 -10.72 -15.24
N LEU B 2 24.88 -9.93 -14.92
CA LEU B 2 24.30 -8.94 -15.84
C LEU B 2 23.32 -9.64 -16.79
N VAL B 3 22.04 -9.63 -16.42
CA VAL B 3 20.99 -10.28 -17.20
C VAL B 3 20.05 -9.31 -17.93
N GLN B 4 19.49 -9.76 -19.06
CA GLN B 4 18.53 -8.94 -19.79
C GLN B 4 17.15 -9.48 -19.46
N LEU B 5 16.20 -8.59 -19.25
CA LEU B 5 14.85 -8.98 -18.87
C LEU B 5 13.82 -9.00 -20.00
N SER B 6 12.78 -9.79 -19.79
CA SER B 6 11.68 -9.93 -20.76
C SER B 6 10.43 -9.44 -20.05
N ARG B 7 9.34 -9.22 -20.79
CA ARG B 7 8.11 -8.78 -20.16
C ARG B 7 7.44 -10.01 -19.55
N HIS B 8 7.90 -11.18 -19.98
CA HIS B 8 7.37 -12.46 -19.52
C HIS B 8 7.65 -12.75 -18.04
N SER B 9 8.68 -12.14 -17.47
CA SER B 9 8.96 -12.39 -16.06
C SER B 9 9.34 -11.13 -15.30
N ILE B 10 8.93 -11.09 -14.03
CA ILE B 10 9.20 -9.95 -13.18
C ILE B 10 10.39 -10.31 -12.27
N ALA B 11 10.98 -11.47 -12.54
CA ALA B 11 12.10 -11.97 -11.75
C ALA B 11 13.44 -11.28 -12.05
N PHE B 12 14.19 -11.01 -10.99
CA PHE B 12 15.50 -10.35 -11.08
C PHE B 12 16.64 -11.30 -10.72
N PRO B 13 17.80 -11.15 -11.39
CA PRO B 13 18.91 -12.04 -11.03
C PRO B 13 19.42 -11.56 -9.67
N SER B 14 20.13 -12.41 -8.95
CA SER B 14 20.64 -12.02 -7.63
C SER B 14 21.64 -10.84 -7.72
N PRO B 15 21.53 -9.88 -6.77
CA PRO B 15 22.39 -8.70 -6.70
C PRO B 15 23.88 -9.04 -6.64
N GLU B 16 24.20 -10.09 -5.90
CA GLU B 16 25.58 -10.53 -5.74
C GLU B 16 26.27 -10.81 -7.08
N GLY B 17 25.48 -10.85 -8.15
CA GLY B 17 26.04 -11.09 -9.46
C GLY B 17 26.25 -9.80 -10.24
N ALA B 18 25.96 -8.67 -9.61
CA ALA B 18 26.12 -7.37 -10.25
C ALA B 18 27.60 -7.13 -10.63
N LEU B 19 27.82 -6.28 -11.62
CA LEU B 19 29.17 -5.97 -12.07
C LEU B 19 29.88 -5.04 -11.10
N ARG B 20 31.20 -5.05 -11.17
CA ARG B 20 32.03 -4.20 -10.33
C ARG B 20 32.19 -2.82 -10.96
N GLU B 21 32.19 -2.79 -12.30
CA GLU B 21 32.35 -1.55 -13.04
C GLU B 21 31.60 -1.62 -14.38
N PRO B 22 30.61 -0.74 -14.58
CA PRO B 22 30.17 0.26 -13.60
C PRO B 22 29.67 -0.45 -12.34
N ASN B 23 29.87 0.18 -11.19
CA ASN B 23 29.50 -0.43 -9.93
C ASN B 23 28.03 -0.77 -9.74
N GLY B 24 27.71 -2.06 -9.75
CA GLY B 24 26.34 -2.48 -9.52
C GLY B 24 25.41 -2.74 -10.71
N LEU B 25 25.88 -2.52 -11.94
CA LEU B 25 25.02 -2.75 -13.09
C LEU B 25 24.57 -4.21 -13.03
N LEU B 26 23.27 -4.43 -12.88
CA LEU B 26 22.75 -5.80 -12.77
C LEU B 26 21.95 -6.32 -13.96
N ALA B 27 21.08 -5.49 -14.51
CA ALA B 27 20.28 -5.96 -15.64
C ALA B 27 19.76 -4.81 -16.46
N LEU B 28 19.09 -5.14 -17.55
CA LEU B 28 18.52 -4.13 -18.42
C LEU B 28 17.28 -4.66 -19.12
N GLY B 29 16.41 -3.74 -19.53
CA GLY B 29 15.19 -4.13 -20.19
C GLY B 29 14.02 -4.18 -19.22
N GLY B 30 12.97 -4.89 -19.60
CA GLY B 30 11.80 -4.99 -18.74
C GLY B 30 10.90 -3.78 -18.93
N ASP B 31 10.26 -3.37 -17.85
CA ASP B 31 9.38 -2.22 -17.86
C ASP B 31 9.45 -1.58 -16.49
N LEU B 32 8.66 -0.53 -16.28
CA LEU B 32 8.65 0.14 -14.99
C LEU B 32 7.30 -0.06 -14.35
N SER B 33 6.71 -1.24 -14.58
CA SER B 33 5.41 -1.60 -14.03
C SER B 33 5.50 -1.66 -12.51
N PRO B 34 4.40 -1.30 -11.83
CA PRO B 34 4.36 -1.31 -10.37
C PRO B 34 4.87 -2.62 -9.74
N ALA B 35 4.59 -3.75 -10.39
CA ALA B 35 5.01 -5.04 -9.85
C ALA B 35 6.51 -5.26 -9.95
N ARG B 36 7.10 -4.73 -11.02
CA ARG B 36 8.53 -4.90 -11.21
C ARG B 36 9.30 -3.99 -10.26
N LEU B 37 8.89 -2.73 -10.19
CA LEU B 37 9.57 -1.79 -9.30
C LEU B 37 9.54 -2.29 -7.87
N LEU B 38 8.36 -2.68 -7.40
CA LEU B 38 8.22 -3.18 -6.05
C LEU B 38 9.12 -4.40 -5.83
N MET B 39 9.11 -5.32 -6.79
CA MET B 39 9.96 -6.50 -6.69
C MET B 39 11.42 -6.06 -6.57
N ALA B 40 11.82 -5.14 -7.43
CA ALA B 40 13.19 -4.60 -7.44
C ALA B 40 13.66 -4.01 -6.11
N TYR B 41 12.86 -3.10 -5.54
CA TYR B 41 13.21 -2.43 -4.28
C TYR B 41 13.26 -3.41 -3.11
N GLN B 42 12.41 -4.43 -3.18
CA GLN B 42 12.34 -5.45 -2.15
C GLN B 42 13.62 -6.29 -2.17
N ARG B 43 14.32 -6.25 -3.31
CA ARG B 43 15.56 -7.01 -3.53
C ARG B 43 16.82 -6.15 -3.52
N GLY B 44 16.67 -4.86 -3.23
CA GLY B 44 17.83 -3.98 -3.21
C GLY B 44 18.24 -3.48 -4.59
N ILE B 45 17.31 -3.59 -5.54
CA ILE B 45 17.57 -3.17 -6.92
C ILE B 45 16.81 -1.89 -7.23
N PHE B 46 17.35 -1.07 -8.12
CA PHE B 46 16.68 0.16 -8.51
C PHE B 46 17.04 0.53 -9.95
N PRO B 47 16.13 1.19 -10.67
CA PRO B 47 16.37 1.60 -12.06
C PRO B 47 17.11 2.94 -12.13
N TRP B 48 18.04 3.05 -13.08
CA TRP B 48 18.81 4.27 -13.23
C TRP B 48 19.38 4.28 -14.64
N PHE B 49 18.86 5.18 -15.47
CA PHE B 49 19.30 5.27 -16.83
C PHE B 49 19.07 6.63 -17.42
N SER B 50 19.83 6.95 -18.45
CA SER B 50 19.73 8.24 -19.13
C SER B 50 18.72 8.11 -20.27
N PRO B 51 18.09 9.24 -20.66
CA PRO B 51 17.11 9.24 -21.75
C PRO B 51 17.72 8.73 -23.04
N GLY B 52 17.06 7.76 -23.67
CA GLY B 52 17.55 7.19 -24.91
C GLY B 52 18.05 5.78 -24.71
N ASP B 53 18.43 5.44 -23.48
CA ASP B 53 18.93 4.11 -23.17
C ASP B 53 17.84 3.19 -22.66
N PRO B 54 18.08 1.87 -22.73
CA PRO B 54 17.06 0.98 -22.22
C PRO B 54 17.13 1.07 -20.70
N ILE B 55 16.14 0.55 -20.01
CA ILE B 55 16.11 0.56 -18.57
C ILE B 55 17.30 -0.22 -18.02
N LEU B 56 18.04 0.41 -17.10
CA LEU B 56 19.19 -0.22 -16.46
C LEU B 56 18.88 -0.37 -14.96
N TRP B 57 19.16 -1.55 -14.41
CA TRP B 57 18.90 -1.81 -13.00
C TRP B 57 20.19 -2.03 -12.23
N TRP B 58 20.27 -1.44 -11.04
CA TRP B 58 21.48 -1.52 -10.25
C TRP B 58 21.36 -1.95 -8.80
N SER B 59 22.50 -2.32 -8.24
CA SER B 59 22.66 -2.71 -6.85
C SER B 59 24.15 -2.61 -6.57
N PRO B 60 24.66 -1.38 -6.46
CA PRO B 60 26.08 -1.12 -6.21
C PRO B 60 26.64 -1.68 -4.91
N ASP B 61 27.97 -1.66 -4.82
CA ASP B 61 28.68 -2.15 -3.65
C ASP B 61 29.99 -1.38 -3.53
N PRO B 62 30.13 -0.55 -2.48
CA PRO B 62 29.17 -0.29 -1.40
C PRO B 62 27.91 0.47 -1.82
N ARG B 63 27.02 0.65 -0.85
CA ARG B 63 25.75 1.35 -1.05
C ARG B 63 25.73 2.63 -0.23
N ALA B 64 25.35 3.74 -0.85
CA ALA B 64 25.28 5.01 -0.14
C ALA B 64 24.03 4.98 0.72
N VAL B 65 24.22 5.28 2.00
CA VAL B 65 23.14 5.26 2.97
C VAL B 65 23.25 6.47 3.89
N LEU B 66 22.14 6.84 4.51
CA LEU B 66 22.10 7.97 5.44
C LEU B 66 21.33 7.64 6.71
N TRP B 67 22.03 7.60 7.84
CA TRP B 67 21.42 7.33 9.14
C TRP B 67 20.73 8.62 9.60
N PRO B 68 19.38 8.60 9.70
CA PRO B 68 18.56 9.75 10.11
C PRO B 68 19.16 10.60 11.23
N GLU B 69 19.36 9.98 12.38
CA GLU B 69 19.91 10.64 13.56
C GLU B 69 21.32 11.23 13.37
N SER B 70 21.98 10.89 12.27
CA SER B 70 23.33 11.41 12.00
C SER B 70 23.25 12.52 10.95
N LEU B 71 22.06 13.02 10.69
CA LEU B 71 21.92 14.08 9.71
C LEU B 71 22.78 15.26 10.13
N HIS B 72 23.62 15.74 9.22
CA HIS B 72 24.50 16.86 9.49
C HIS B 72 23.81 18.20 9.25
N ILE B 73 23.73 19.02 10.29
CA ILE B 73 23.10 20.33 10.19
C ILE B 73 24.06 21.41 10.68
N SER B 74 24.62 22.16 9.74
CA SER B 74 25.56 23.23 10.06
C SER B 74 24.94 24.13 11.11
N ARG B 75 25.77 24.97 11.74
CA ARG B 75 25.29 25.88 12.76
C ARG B 75 24.35 26.95 12.16
N SER B 76 24.62 27.37 10.92
CA SER B 76 23.79 28.37 10.26
C SER B 76 22.40 27.85 9.91
N MET B 77 22.34 26.61 9.39
CA MET B 77 21.07 26.00 9.05
C MET B 77 20.15 25.92 10.26
N LYS B 78 20.72 25.60 11.41
CA LYS B 78 19.94 25.52 12.64
C LYS B 78 19.33 26.89 12.95
N ARG B 79 20.14 27.93 12.88
CA ARG B 79 19.65 29.29 13.13
C ARG B 79 18.55 29.60 12.11
N PHE B 80 18.82 29.27 10.85
CA PHE B 80 17.86 29.48 9.78
C PHE B 80 16.56 28.74 10.09
N HIS B 81 16.66 27.45 10.39
CA HIS B 81 15.46 26.66 10.67
C HIS B 81 14.66 27.10 11.89
N LYS B 82 15.36 27.54 12.93
CA LYS B 82 14.68 27.99 14.16
C LYS B 82 13.68 29.08 13.80
N ARG B 83 14.00 29.84 12.75
CA ARG B 83 13.12 30.90 12.31
C ARG B 83 12.76 30.66 10.84
N SER B 84 12.58 29.38 10.50
CA SER B 84 12.25 28.98 9.14
C SER B 84 11.11 29.74 8.47
N PRO B 85 11.32 30.18 7.23
CA PRO B 85 10.36 30.91 6.42
C PRO B 85 9.51 29.91 5.61
N TYR B 86 9.77 28.62 5.83
CA TYR B 86 9.08 27.56 5.10
C TYR B 86 8.06 26.78 5.89
N ARG B 87 7.17 26.13 5.16
CA ARG B 87 6.16 25.27 5.73
C ARG B 87 6.42 23.92 5.06
N VAL B 88 6.24 22.83 5.80
CA VAL B 88 6.48 21.49 5.24
C VAL B 88 5.27 20.57 5.36
N THR B 89 4.93 19.92 4.26
CA THR B 89 3.81 18.98 4.24
C THR B 89 4.26 17.62 3.72
N MET B 90 3.39 16.63 3.87
CA MET B 90 3.68 15.29 3.40
C MET B 90 2.64 14.83 2.40
N ASN B 91 3.12 14.27 1.30
CA ASN B 91 2.26 13.76 0.23
C ASN B 91 1.13 14.69 -0.19
N TYR B 92 1.41 15.98 -0.27
CA TYR B 92 0.40 16.95 -0.68
C TYR B 92 0.41 17.15 -2.18
N ALA B 93 1.59 17.07 -2.77
CA ALA B 93 1.72 17.28 -4.21
C ALA B 93 2.87 16.49 -4.80
N PHE B 94 2.73 15.16 -4.81
CA PHE B 94 3.76 14.30 -5.36
C PHE B 94 4.08 14.71 -6.79
N GLY B 95 3.04 14.92 -7.59
CA GLY B 95 3.25 15.31 -8.97
C GLY B 95 4.20 16.48 -9.13
N GLN B 96 3.97 17.52 -8.35
CA GLN B 96 4.81 18.70 -8.43
C GLN B 96 6.25 18.46 -7.99
N VAL B 97 6.43 17.71 -6.90
CA VAL B 97 7.76 17.43 -6.39
C VAL B 97 8.60 16.66 -7.41
N ILE B 98 8.06 15.54 -7.90
CA ILE B 98 8.77 14.74 -8.90
C ILE B 98 9.09 15.59 -10.15
N GLU B 99 8.16 16.47 -10.56
CA GLU B 99 8.41 17.34 -11.72
C GLU B 99 9.52 18.31 -11.39
N GLY B 100 9.48 18.86 -10.17
CA GLY B 100 10.51 19.77 -9.73
C GLY B 100 11.87 19.12 -9.87
N CYS B 101 11.97 17.87 -9.46
CA CYS B 101 13.22 17.12 -9.55
C CYS B 101 13.61 16.82 -11.00
N ALA B 102 12.64 16.35 -11.79
CA ALA B 102 12.86 16.01 -13.19
C ALA B 102 13.33 17.22 -14.00
N SER B 103 12.90 18.41 -13.59
CA SER B 103 13.28 19.61 -14.31
C SER B 103 14.30 20.44 -13.55
N ASP B 104 14.86 19.93 -12.46
CA ASP B 104 15.83 20.69 -11.71
C ASP B 104 17.06 20.93 -12.57
N ARG B 105 17.17 20.16 -13.66
CA ARG B 105 18.28 20.27 -14.63
C ARG B 105 19.49 19.34 -14.46
N GLU B 106 19.56 18.63 -13.34
CA GLU B 106 20.72 17.75 -13.11
C GLU B 106 20.35 16.27 -12.90
N GLY B 108 17.94 15.12 -12.09
CA GLY B 108 17.38 16.11 -13.00
C GLY B 108 16.80 15.51 -14.27
N THR B 109 17.48 15.72 -15.39
CA THR B 109 16.99 15.19 -16.67
C THR B 109 17.13 13.67 -16.76
N TRP B 110 17.76 13.07 -15.75
CA TRP B 110 17.89 11.62 -15.74
C TRP B 110 16.55 10.99 -15.40
N ILE B 111 15.57 11.84 -15.09
CA ILE B 111 14.23 11.39 -14.76
C ILE B 111 13.33 11.65 -15.97
N THR B 112 13.29 10.67 -16.87
CA THR B 112 12.49 10.75 -18.08
C THR B 112 11.01 10.69 -17.71
N ARG B 113 10.15 11.03 -18.66
CA ARG B 113 8.72 10.99 -18.42
C ARG B 113 8.30 9.60 -17.96
N GLY B 114 8.94 8.59 -18.55
CA GLY B 114 8.64 7.20 -18.19
C GLY B 114 8.79 6.94 -16.71
N VAL B 115 9.84 7.53 -16.12
CA VAL B 115 10.11 7.40 -14.68
C VAL B 115 9.10 8.20 -13.86
N VAL B 116 8.66 9.33 -14.40
CA VAL B 116 7.69 10.17 -13.70
C VAL B 116 6.37 9.42 -13.58
N GLU B 117 5.88 8.89 -14.70
CA GLU B 117 4.62 8.14 -14.68
C GLU B 117 4.74 6.94 -13.76
N ALA B 118 5.81 6.17 -13.93
CA ALA B 118 6.01 4.98 -13.11
C ALA B 118 5.96 5.26 -11.61
N TYR B 119 6.80 6.20 -11.15
CA TYR B 119 6.81 6.52 -9.74
C TYR B 119 5.55 7.21 -9.23
N HIS B 120 4.79 7.79 -10.16
CA HIS B 120 3.53 8.43 -9.79
C HIS B 120 2.54 7.29 -9.48
N ARG B 121 2.63 6.19 -10.22
CA ARG B 121 1.75 5.05 -9.97
C ARG B 121 2.08 4.49 -8.59
N LEU B 122 3.37 4.40 -8.25
CA LEU B 122 3.77 3.91 -6.95
C LEU B 122 3.19 4.84 -5.88
N HIS B 123 3.15 6.13 -6.17
CA HIS B 123 2.59 7.05 -5.19
C HIS B 123 1.11 6.77 -5.00
N GLU B 124 0.39 6.64 -6.10
CA GLU B 124 -1.03 6.38 -6.04
C GLU B 124 -1.33 5.07 -5.32
N LEU B 125 -0.37 4.15 -5.36
CA LEU B 125 -0.57 2.88 -4.70
C LEU B 125 -0.07 2.87 -3.25
N GLY B 126 0.39 4.03 -2.76
CA GLY B 126 0.86 4.13 -1.39
C GLY B 126 2.29 3.74 -1.03
N HIS B 127 3.19 3.62 -2.01
CA HIS B 127 4.59 3.25 -1.71
C HIS B 127 5.60 4.38 -1.95
N ALA B 128 5.29 5.30 -2.86
CA ALA B 128 6.19 6.42 -3.12
C ALA B 128 5.60 7.59 -2.37
N HIS B 129 6.47 8.41 -1.77
CA HIS B 129 6.01 9.55 -0.98
C HIS B 129 6.82 10.81 -1.23
N SER B 130 6.18 11.94 -1.06
CA SER B 130 6.83 13.23 -1.24
C SER B 130 6.72 14.11 -0.01
N ILE B 131 7.70 15.00 0.11
CA ILE B 131 7.81 15.97 1.20
C ILE B 131 7.87 17.32 0.49
N GLU B 132 6.87 18.16 0.70
CA GLU B 132 6.84 19.48 0.06
C GLU B 132 7.25 20.65 0.99
N VAL B 133 8.07 21.55 0.47
CA VAL B 133 8.53 22.72 1.22
C VAL B 133 7.89 23.94 0.58
N TRP B 134 7.08 24.66 1.35
CA TRP B 134 6.38 25.83 0.84
C TRP B 134 6.85 27.19 1.34
N ARG B 135 7.04 28.11 0.43
CA ARG B 135 7.38 29.47 0.82
C ARG B 135 6.06 30.17 0.56
N GLU B 136 5.32 30.41 1.63
CA GLU B 136 4.00 31.02 1.53
C GLU B 136 3.10 30.02 0.81
N ASP B 137 2.71 30.30 -0.42
CA ASP B 137 1.85 29.38 -1.16
C ASP B 137 2.56 28.69 -2.29
N GLU B 138 3.81 29.04 -2.51
CA GLU B 138 4.55 28.44 -3.61
C GLU B 138 5.45 27.29 -3.18
N LEU B 139 5.43 26.22 -3.98
CA LEU B 139 6.27 25.06 -3.73
C LEU B 139 7.66 25.52 -4.14
N VAL B 140 8.60 25.59 -3.20
CA VAL B 140 9.94 26.02 -3.54
C VAL B 140 10.98 24.92 -3.37
N GLY B 141 10.54 23.75 -2.96
CA GLY B 141 11.46 22.65 -2.79
C GLY B 141 10.74 21.40 -2.34
N GLY B 142 11.48 20.30 -2.21
CA GLY B 142 10.86 19.07 -1.79
C GLY B 142 11.69 17.86 -2.17
N MET B 143 11.21 16.67 -1.82
CA MET B 143 11.89 15.43 -2.13
C MET B 143 10.91 14.27 -2.11
N TYR B 144 11.32 13.13 -2.65
CA TYR B 144 10.45 11.96 -2.67
C TYR B 144 11.25 10.66 -2.67
N GLY B 145 10.58 9.58 -2.26
CA GLY B 145 11.23 8.29 -2.22
C GLY B 145 10.21 7.18 -2.13
N VAL B 146 10.71 5.96 -2.02
CA VAL B 146 9.87 4.79 -1.91
C VAL B 146 10.07 4.22 -0.50
N ALA B 147 8.96 3.98 0.20
CA ALA B 147 9.02 3.43 1.56
C ALA B 147 9.22 1.92 1.46
N GLN B 148 9.90 1.37 2.46
CA GLN B 148 10.20 -0.05 2.52
C GLN B 148 10.19 -0.36 4.03
N GLY B 149 8.99 -0.29 4.61
CA GLY B 149 8.90 -0.53 6.04
C GLY B 149 9.46 0.66 6.77
N THR B 150 10.44 0.41 7.65
CA THR B 150 11.09 1.46 8.43
C THR B 150 12.31 2.00 7.70
N LEU B 151 12.47 1.58 6.45
CA LEU B 151 13.56 2.00 5.62
C LEU B 151 13.00 2.90 4.52
N PHE B 152 13.68 4.01 4.24
CA PHE B 152 13.24 4.92 3.20
C PHE B 152 14.27 5.05 2.07
N CYS B 153 13.83 4.82 0.84
CA CYS B 153 14.72 4.92 -0.31
C CYS B 153 14.56 6.29 -0.94
N GLY B 154 15.56 7.15 -0.73
CA GLY B 154 15.50 8.48 -1.29
C GLY B 154 15.72 8.44 -2.79
N GLU B 155 14.80 9.03 -3.54
CA GLU B 155 14.91 9.08 -4.98
C GLU B 155 15.56 10.39 -5.43
N SER B 156 15.01 11.51 -5.01
CA SER B 156 15.57 12.79 -5.41
C SER B 156 15.07 13.96 -4.58
N MET B 157 15.69 15.12 -4.78
CA MET B 157 15.34 16.35 -4.08
C MET B 157 15.52 17.46 -5.11
N PHE B 158 14.87 18.59 -4.88
CA PHE B 158 15.00 19.71 -5.78
C PHE B 158 14.84 20.97 -4.95
N SER B 159 15.39 22.07 -5.44
CA SER B 159 15.32 23.33 -4.72
C SER B 159 15.29 24.54 -5.63
N ARG B 160 14.36 25.45 -5.35
CA ARG B 160 14.23 26.67 -6.12
C ARG B 160 14.53 27.88 -5.22
N MET B 161 14.68 27.64 -3.93
CA MET B 161 14.99 28.69 -2.97
C MET B 161 15.95 28.16 -1.91
N GLU B 162 16.97 28.95 -1.61
CA GLU B 162 18.00 28.60 -0.63
C GLU B 162 17.45 27.86 0.60
N ASN B 163 18.02 26.68 0.88
CA ASN B 163 17.65 25.84 2.03
C ASN B 163 16.30 25.12 2.05
N ALA B 164 15.66 24.96 0.89
CA ALA B 164 14.39 24.25 0.84
C ALA B 164 14.68 22.75 0.99
N SER B 165 15.62 22.23 0.18
CA SER B 165 16.01 20.82 0.22
C SER B 165 16.26 20.40 1.67
N LYS B 166 17.26 21.03 2.27
CA LYS B 166 17.67 20.77 3.65
C LYS B 166 16.49 20.75 4.61
N THR B 167 15.60 21.73 4.46
CA THR B 167 14.42 21.81 5.31
C THR B 167 13.60 20.52 5.20
N ALA B 168 13.31 20.12 3.97
CA ALA B 168 12.55 18.91 3.72
C ALA B 168 13.22 17.70 4.37
N LEU B 169 14.53 17.57 4.16
CA LEU B 169 15.28 16.44 4.70
C LEU B 169 15.33 16.45 6.23
N LEU B 170 15.62 17.61 6.80
CA LEU B 170 15.72 17.74 8.25
C LEU B 170 14.39 17.40 8.93
N VAL B 171 13.32 18.03 8.44
CA VAL B 171 11.99 17.83 8.98
C VAL B 171 11.53 16.40 8.78
N PHE B 172 11.83 15.83 7.62
CA PHE B 172 11.44 14.46 7.35
C PHE B 172 12.16 13.54 8.33
N CYS B 173 13.46 13.78 8.50
CA CYS B 173 14.24 12.97 9.40
C CYS B 173 13.72 13.01 10.82
N GLU B 174 13.23 14.19 11.24
CA GLU B 174 12.69 14.32 12.57
C GLU B 174 11.43 13.47 12.71
N GLU B 175 10.49 13.61 11.78
CA GLU B 175 9.26 12.82 11.80
C GLU B 175 9.64 11.34 11.79
N PHE B 176 10.43 10.99 10.79
CA PHE B 176 10.91 9.63 10.57
C PHE B 176 11.43 8.89 11.80
N ILE B 177 12.43 9.45 12.49
CA ILE B 177 13.01 8.80 13.67
C ILE B 177 12.09 8.80 14.89
N GLY B 178 11.31 9.87 15.03
CA GLY B 178 10.40 9.95 16.15
C GLY B 178 9.32 8.89 16.10
N HIS B 179 9.03 8.40 14.89
CA HIS B 179 7.99 7.39 14.70
C HIS B 179 8.49 6.00 14.34
N GLY B 180 9.78 5.74 14.55
CA GLY B 180 10.29 4.42 14.26
C GLY B 180 11.15 4.20 13.02
N GLY B 181 11.16 5.16 12.09
CA GLY B 181 11.98 5.01 10.89
C GLY B 181 13.43 4.81 11.29
N LYS B 182 14.13 3.89 10.64
CA LYS B 182 15.52 3.62 10.98
C LYS B 182 16.62 3.89 9.95
N LEU B 183 16.29 4.01 8.67
CA LEU B 183 17.36 4.18 7.69
C LEU B 183 16.94 4.78 6.35
N ILE B 184 17.81 5.61 5.78
CA ILE B 184 17.54 6.23 4.48
C ILE B 184 18.54 5.76 3.44
N ASP B 185 18.03 5.21 2.35
CA ASP B 185 18.90 4.75 1.29
C ASP B 185 19.19 5.87 0.28
N CYS B 186 20.46 6.05 -0.06
CA CYS B 186 20.87 7.07 -1.02
C CYS B 186 21.46 6.44 -2.28
N GLN B 187 21.56 5.11 -2.28
CA GLN B 187 22.11 4.36 -3.42
C GLN B 187 23.60 4.64 -3.67
N VAL B 188 23.87 5.78 -4.29
CA VAL B 188 25.22 6.16 -4.62
C VAL B 188 25.64 7.48 -3.99
N LEU B 189 26.76 7.43 -3.27
CA LEU B 189 27.29 8.60 -2.59
C LEU B 189 27.69 9.68 -3.59
N ASN B 190 26.94 10.78 -3.62
CA ASN B 190 27.27 11.88 -4.52
C ASN B 190 27.78 13.02 -3.62
N ASP B 191 28.18 14.15 -4.21
CA ASP B 191 28.70 15.25 -3.40
C ASP B 191 27.69 15.95 -2.48
N HIS B 192 26.46 16.13 -2.94
CA HIS B 192 25.43 16.78 -2.11
C HIS B 192 25.06 15.80 -0.99
N THR B 193 24.97 14.53 -1.34
CA THR B 193 24.63 13.46 -0.42
C THR B 193 25.65 13.32 0.73
N ALA B 194 26.93 13.34 0.39
CA ALA B 194 28.00 13.22 1.39
C ALA B 194 28.02 14.38 2.38
N SER B 195 27.73 15.58 1.90
CA SER B 195 27.72 16.76 2.77
C SER B 195 26.57 16.70 3.76
N LEU B 196 25.57 15.88 3.45
CA LEU B 196 24.42 15.74 4.32
C LEU B 196 24.61 14.64 5.35
N GLY B 197 25.71 13.90 5.23
CA GLY B 197 25.99 12.84 6.18
C GLY B 197 25.93 11.41 5.67
N ALA B 198 25.59 11.22 4.40
CA ALA B 198 25.51 9.87 3.85
C ALA B 198 26.84 9.14 3.94
N CYS B 199 26.80 7.86 4.28
CA CYS B 199 28.02 7.08 4.40
C CYS B 199 27.87 5.75 3.67
N GLU B 200 28.98 5.13 3.31
CA GLU B 200 28.94 3.87 2.59
C GLU B 200 29.05 2.63 3.45
N ILE B 201 28.28 1.62 3.09
CA ILE B 201 28.30 0.33 3.78
C ILE B 201 28.23 -0.74 2.70
N PRO B 202 28.82 -1.91 2.96
CA PRO B 202 28.80 -3.01 1.98
C PRO B 202 27.38 -3.37 1.53
N ARG B 203 27.25 -3.78 0.27
CA ARG B 203 25.95 -4.17 -0.28
C ARG B 203 25.28 -5.20 0.64
N ARG B 204 26.08 -6.15 1.14
CA ARG B 204 25.59 -7.22 2.01
C ARG B 204 24.89 -6.72 3.27
N ASP B 205 25.47 -5.71 3.90
CA ASP B 205 24.85 -5.15 5.10
C ASP B 205 23.56 -4.42 4.74
N TYR B 206 23.56 -3.73 3.61
CA TYR B 206 22.38 -3.01 3.17
C TYR B 206 21.21 -3.98 2.98
N LEU B 207 21.46 -5.08 2.30
CA LEU B 207 20.43 -6.07 2.06
C LEU B 207 19.94 -6.69 3.38
N ASN B 208 20.83 -6.77 4.36
CA ASN B 208 20.45 -7.31 5.67
C ASN B 208 19.50 -6.33 6.33
N TYR B 209 19.90 -5.06 6.34
CA TYR B 209 19.06 -4.02 6.91
C TYR B 209 17.73 -3.97 6.18
N LEU B 210 17.79 -4.08 4.86
CA LEU B 210 16.59 -4.05 4.01
C LEU B 210 15.62 -5.19 4.32
N ASN B 211 16.12 -6.41 4.48
CA ASN B 211 15.25 -7.55 4.79
C ASN B 211 14.64 -7.39 6.18
N GLN B 212 15.36 -6.70 7.05
CA GLN B 212 14.93 -6.45 8.42
C GLN B 212 13.89 -5.33 8.47
N MET B 213 14.16 -4.24 7.78
CA MET B 213 13.27 -3.09 7.78
C MET B 213 12.04 -3.17 6.89
N ARG B 214 12.08 -3.95 5.82
CA ARG B 214 10.92 -4.03 4.93
C ARG B 214 9.67 -4.54 5.62
N LEU B 215 9.83 -5.29 6.71
CA LEU B 215 8.67 -5.84 7.40
C LEU B 215 8.28 -5.10 8.70
N GLY B 216 9.01 -4.03 9.01
CA GLY B 216 8.67 -3.25 10.18
C GLY B 216 7.60 -2.28 9.72
N ARG B 217 7.03 -1.51 10.65
CA ARG B 217 6.01 -0.54 10.26
C ARG B 217 6.03 0.73 11.09
N LEU B 218 5.47 1.78 10.52
CA LEU B 218 5.34 3.09 11.16
C LEU B 218 3.85 3.21 11.44
N PRO B 219 3.44 4.20 12.24
CA PRO B 219 2.00 4.36 12.53
C PRO B 219 1.16 4.33 11.26
N ASN B 220 -0.05 3.77 11.38
CA ASN B 220 -0.99 3.64 10.27
C ASN B 220 -1.23 4.89 9.42
N ASN B 221 -1.09 6.05 10.05
CA ASN B 221 -1.34 7.31 9.36
C ASN B 221 -0.06 8.08 9.06
N PHE B 222 1.09 7.46 9.34
CA PHE B 222 2.35 8.13 9.07
C PHE B 222 2.46 8.71 7.65
N TRP B 223 1.97 7.99 6.65
CA TRP B 223 2.07 8.48 5.28
C TRP B 223 0.84 9.20 4.78
N VAL B 224 -0.17 9.29 5.64
CA VAL B 224 -1.39 10.00 5.29
C VAL B 224 -1.03 11.46 5.04
N PRO B 225 -1.54 12.05 3.94
CA PRO B 225 -1.22 13.46 3.66
C PRO B 225 -1.47 14.38 4.86
N ARG B 226 -0.48 15.18 5.22
CA ARG B 226 -0.63 16.09 6.35
C ARG B 226 0.49 17.12 6.43
N CYS B 227 0.32 18.12 7.28
CA CYS B 227 1.30 19.19 7.49
C CYS B 227 2.30 18.67 8.52
N LEU B 228 3.59 18.79 8.23
CA LEU B 228 4.63 18.33 9.16
C LEU B 228 5.31 19.44 9.97
N PHE B 229 5.39 20.63 9.38
CA PHE B 229 6.05 21.73 10.07
C PHE B 229 5.47 23.09 9.68
N SER B 230 4.96 23.80 10.67
CA SER B 230 4.36 25.12 10.45
C SER B 230 4.72 26.04 11.60
N PRO B 231 5.62 27.01 11.36
CA PRO B 231 6.07 27.98 12.36
C PRO B 231 4.93 28.66 13.09
N PHE C 1 -18.45 -12.33 0.48
CA PHE C 1 -18.21 -11.09 -0.31
C PHE C 1 -19.49 -10.69 -1.03
N ARG C 2 -20.22 -9.73 -0.46
CA ARG C 2 -21.49 -9.29 -1.05
C ARG C 2 -21.44 -8.77 -2.49
N TYR C 3 -20.31 -8.17 -2.87
CA TYR C 3 -20.20 -7.62 -4.23
C TYR C 3 -19.83 -8.69 -5.26
N LEU C 4 -20.45 -9.87 -5.13
CA LEU C 4 -20.25 -10.99 -6.04
C LEU C 4 -21.59 -11.58 -6.45
N GLY C 5 -22.66 -10.93 -6.01
CA GLY C 5 -24.00 -11.38 -6.34
C GLY C 5 -25.01 -10.24 -6.28
N PHE D 1 19.80 9.18 -3.06
CA PHE D 1 19.32 10.28 -3.92
C PHE D 1 20.20 10.37 -5.16
N ARG D 2 20.20 9.27 -5.90
CA ARG D 2 20.97 9.09 -7.12
C ARG D 2 20.70 10.11 -8.23
N TYR D 3 19.49 10.65 -8.28
CA TYR D 3 19.13 11.59 -9.35
C TYR D 3 19.68 13.00 -9.25
N LEU D 4 20.54 13.24 -8.26
CA LEU D 4 21.16 14.55 -8.07
C LEU D 4 22.52 14.57 -8.75
N GLY D 5 23.56 14.62 -7.92
CA GLY D 5 24.94 14.68 -8.40
C GLY D 5 25.36 13.62 -9.41
#